data_5H9N
#
_entry.id   5H9N
#
_cell.length_a   34.229
_cell.length_b   58.091
_cell.length_c   36.152
_cell.angle_alpha   90.000
_cell.angle_beta   104.160
_cell.angle_gamma   90.000
#
_symmetry.space_group_name_H-M   'P 1 21 1'
#
loop_
_entity.id
_entity.type
_entity.pdbx_description
1 polymer 'Lipocalin AI-4'
2 non-polymer '(5~{S},6~{R},7~{E},9~{E},11~{Z},14~{Z})-6-[(2~{R})-2-[[(4~{S})-4-azanyl-5-oxidanyl-5-oxidanylidene-pentanoyl]amino]-3-( 2-hydroxy-2-oxoethylamino)-3-oxidanylidene-propyl]sulfanyl-5-oxidanyl-icosa-7,9,11,14-tetraenoic acid'
3 water water
#
_entity_poly.entity_id   1
_entity_poly.type   'polypeptide(L)'
_entity_poly.pdbx_seq_one_letter_code
;AEVTSIPTGCNALSGKIMSGFDANRFFTGDWYLTHSRDSEVPVRCEKYQTGSNLQLNFNGKNGDVKCSGSTVSGNQGFYS
FQCTTTSGGSFTSYMAVVETDYANYALLYRCGLAGSTTPKDNFLLFNRQSSGEIPAGLSTKLNQLELTSLNKLGCS
;
_entity_poly.pdbx_strand_id   A
#
# COMPACT_ATOMS: atom_id res chain seq x y z
N VAL A 3 14.57 -2.88 -13.53
CA VAL A 3 13.18 -3.21 -13.79
C VAL A 3 12.40 -1.93 -14.13
N THR A 4 11.75 -1.93 -15.30
CA THR A 4 11.19 -0.71 -15.85
C THR A 4 9.67 -0.66 -15.87
N SER A 5 9.04 -1.76 -15.48
CA SER A 5 7.59 -1.78 -15.34
C SER A 5 7.20 -2.77 -14.28
N ILE A 6 5.97 -2.65 -13.78
CA ILE A 6 5.49 -3.55 -12.74
C ILE A 6 5.37 -4.97 -13.28
N PRO A 7 5.35 -5.97 -12.37
CA PRO A 7 5.31 -7.36 -12.84
C PRO A 7 4.07 -7.66 -13.66
N THR A 8 4.23 -8.51 -14.68
CA THR A 8 3.10 -8.97 -15.46
C THR A 8 2.06 -9.61 -14.55
N GLY A 9 0.82 -9.21 -14.70
CA GLY A 9 -0.22 -9.67 -13.81
C GLY A 9 -0.68 -8.60 -12.83
N CYS A 10 0.20 -7.65 -12.54
CA CYS A 10 -0.16 -6.52 -11.69
CA CYS A 10 -0.13 -6.50 -11.69
C CYS A 10 -0.99 -5.50 -12.46
N ASN A 11 -1.97 -4.91 -11.80
CA ASN A 11 -2.86 -3.95 -12.43
C ASN A 11 -2.24 -2.55 -12.45
N ALA A 12 -2.00 -2.00 -13.63
CA ALA A 12 -1.43 -0.67 -13.72
C ALA A 12 -2.42 0.45 -13.39
N LEU A 13 -3.71 0.10 -13.32
CA LEU A 13 -4.76 1.02 -12.85
C LEU A 13 -4.81 2.29 -13.70
N SER A 14 -4.54 2.14 -14.99
CA SER A 14 -4.56 3.27 -15.88
C SER A 14 -5.91 4.00 -15.82
N GLY A 15 -5.89 5.30 -15.58
CA GLY A 15 -7.11 6.08 -15.52
C GLY A 15 -7.81 6.04 -14.16
N LYS A 16 -7.21 5.32 -13.22
CA LYS A 16 -7.87 5.13 -11.94
C LYS A 16 -7.10 5.75 -10.77
N ILE A 17 -5.90 6.24 -11.03
CA ILE A 17 -5.06 6.85 -10.01
C ILE A 17 -5.28 8.35 -9.94
N MET A 18 -5.29 8.90 -8.73
CA MET A 18 -5.44 10.34 -8.54
C MET A 18 -4.48 11.15 -9.37
N SER A 19 -4.90 12.34 -9.74
CA SER A 19 -4.00 13.27 -10.38
C SER A 19 -3.30 14.10 -9.30
N GLY A 20 -2.11 14.58 -9.62
CA GLY A 20 -1.41 15.52 -8.77
C GLY A 20 -0.90 14.94 -7.46
N PHE A 21 -0.54 13.66 -7.47
CA PHE A 21 0.03 13.03 -6.29
C PHE A 21 1.29 13.76 -5.82
N ASP A 22 1.32 14.07 -4.53
CA ASP A 22 2.41 14.80 -3.90
C ASP A 22 3.20 13.86 -3.00
N ALA A 23 4.30 13.32 -3.53
CA ALA A 23 5.08 12.33 -2.81
C ALA A 23 5.62 12.87 -1.49
N ASN A 24 5.95 14.16 -1.46
CA ASN A 24 6.50 14.76 -0.25
C ASN A 24 5.51 14.75 0.91
N ARG A 25 4.23 14.89 0.59
CA ARG A 25 3.21 14.91 1.64
C ARG A 25 2.77 13.51 2.05
N PHE A 26 2.93 12.55 1.14
CA PHE A 26 2.54 11.19 1.47
C PHE A 26 3.62 10.45 2.25
N PHE A 27 4.86 10.54 1.79
CA PHE A 27 5.97 9.82 2.42
C PHE A 27 6.56 10.58 3.58
N THR A 28 5.71 10.95 4.52
CA THR A 28 6.13 11.59 5.75
C THR A 28 5.22 11.08 6.88
N GLY A 29 5.78 10.96 8.08
CA GLY A 29 5.01 10.49 9.21
C GLY A 29 4.72 9.00 9.23
N ASP A 30 3.76 8.61 10.05
CA ASP A 30 3.33 7.22 10.21
C ASP A 30 2.02 6.97 9.53
N TRP A 31 1.86 5.78 8.99
CA TRP A 31 0.60 5.33 8.41
C TRP A 31 0.24 3.96 9.00
N TYR A 32 -0.97 3.80 9.53
CA TYR A 32 -1.44 2.51 10.04
C TYR A 32 -2.25 1.81 8.97
N LEU A 33 -1.95 0.53 8.74
CA LEU A 33 -2.69 -0.26 7.79
C LEU A 33 -3.96 -0.79 8.48
N THR A 34 -5.08 -0.12 8.29
CA THR A 34 -6.27 -0.46 9.08
C THR A 34 -7.24 -1.42 8.39
N HIS A 35 -7.27 -1.45 7.06
CA HIS A 35 -8.20 -2.27 6.31
C HIS A 35 -7.55 -2.75 5.03
N SER A 36 -8.02 -3.86 4.46
CA SER A 36 -7.53 -4.30 3.16
C SER A 36 -8.60 -5.16 2.50
N ARG A 37 -8.56 -5.27 1.17
CA ARG A 37 -9.52 -6.07 0.43
C ARG A 37 -9.41 -7.53 0.85
N ASP A 38 -8.19 -8.05 0.84
CA ASP A 38 -7.89 -9.42 1.22
C ASP A 38 -7.13 -9.36 2.53
N SER A 39 -7.39 -10.29 3.45
CA SER A 39 -6.69 -10.30 4.71
C SER A 39 -6.42 -11.72 5.18
N GLU A 40 -5.47 -11.85 6.09
CA GLU A 40 -5.17 -13.14 6.69
C GLU A 40 -5.57 -13.11 8.15
N VAL A 41 -5.48 -14.26 8.80
CA VAL A 41 -5.64 -14.32 10.25
C VAL A 41 -4.34 -14.85 10.86
N PRO A 42 -4.02 -14.40 12.08
CA PRO A 42 -4.76 -13.39 12.85
C PRO A 42 -4.50 -11.99 12.29
N VAL A 43 -5.47 -11.08 12.40
CA VAL A 43 -5.22 -9.73 11.95
C VAL A 43 -4.26 -9.03 12.92
N ARG A 44 -3.53 -8.07 12.38
CA ARG A 44 -2.44 -7.37 13.05
C ARG A 44 -2.57 -5.88 12.79
N CYS A 45 -1.81 -5.08 13.52
CA CYS A 45 -1.73 -3.65 13.28
C CYS A 45 -0.33 -3.26 12.84
N GLU A 46 -0.16 -3.11 11.54
CA GLU A 46 1.11 -2.68 10.98
C GLU A 46 1.19 -1.17 10.92
N LYS A 47 2.21 -0.61 11.57
CA LYS A 47 2.53 0.80 11.52
C LYS A 47 3.68 1.00 10.56
N TYR A 48 3.43 1.71 9.46
CA TYR A 48 4.44 2.01 8.45
C TYR A 48 5.08 3.36 8.79
N GLN A 49 6.37 3.32 9.08
CA GLN A 49 7.13 4.50 9.42
C GLN A 49 7.88 4.97 8.19
N THR A 50 7.75 6.24 7.84
CA THR A 50 8.41 6.75 6.63
C THR A 50 9.58 7.64 6.99
N GLY A 51 10.56 7.70 6.10
CA GLY A 51 11.69 8.61 6.22
C GLY A 51 12.02 9.17 4.85
N SER A 52 13.08 9.97 4.80
CA SER A 52 13.53 10.58 3.55
C SER A 52 13.87 9.54 2.50
N ASN A 53 13.81 9.97 1.24
CA ASN A 53 14.25 9.16 0.12
C ASN A 53 13.56 7.82 0.03
N LEU A 54 12.27 7.84 0.30
CA LEU A 54 11.41 6.66 0.11
C LEU A 54 11.87 5.46 0.93
N GLN A 55 12.36 5.73 2.14
CA GLN A 55 12.66 4.64 3.06
C GLN A 55 11.46 4.38 3.96
N LEU A 56 11.22 3.13 4.29
CA LEU A 56 10.19 2.84 5.27
C LEU A 56 10.52 1.61 6.10
N ASN A 57 9.92 1.60 7.27
CA ASN A 57 10.05 0.51 8.23
C ASN A 57 8.65 0.09 8.64
N PHE A 58 8.38 -1.19 8.80
CA PHE A 58 7.12 -1.58 9.42
C PHE A 58 7.30 -2.87 10.19
N ASN A 59 6.39 -3.10 11.13
CA ASN A 59 6.40 -4.32 11.93
C ASN A 59 5.65 -5.42 11.19
N GLY A 60 6.37 -6.25 10.45
CA GLY A 60 5.76 -7.27 9.61
C GLY A 60 5.39 -8.55 10.34
N LYS A 61 4.83 -9.52 9.62
CA LYS A 61 4.25 -10.71 10.24
C LYS A 61 5.21 -11.48 11.13
N ASN A 62 6.44 -11.69 10.67
CA ASN A 62 7.45 -12.24 11.56
C ASN A 62 8.73 -11.43 11.48
N GLY A 63 8.70 -10.29 12.14
CA GLY A 63 9.87 -9.45 12.26
C GLY A 63 9.72 -8.11 11.59
N ASP A 64 10.54 -7.16 12.04
CA ASP A 64 10.58 -5.84 11.42
C ASP A 64 11.09 -5.91 10.00
N VAL A 65 10.51 -5.06 9.16
CA VAL A 65 10.83 -5.01 7.75
C VAL A 65 11.34 -3.63 7.38
N LYS A 66 12.40 -3.57 6.59
CA LYS A 66 12.94 -2.31 6.13
C LYS A 66 12.94 -2.29 4.61
N CYS A 67 12.45 -1.20 4.03
CA CYS A 67 12.30 -1.10 2.58
C CYS A 67 12.90 0.17 2.02
N SER A 68 13.39 0.07 0.79
CA SER A 68 13.92 1.23 0.08
C SER A 68 13.14 1.36 -1.23
N GLY A 69 12.54 2.52 -1.48
CA GLY A 69 11.71 2.70 -2.66
C GLY A 69 12.36 3.46 -3.81
N SER A 70 11.77 3.30 -4.98
CA SER A 70 12.16 4.04 -6.16
C SER A 70 10.97 4.10 -7.10
N THR A 71 10.89 5.14 -7.92
CA THR A 71 9.82 5.22 -8.90
C THR A 71 10.01 4.17 -9.99
N VAL A 72 8.90 3.71 -10.56
CA VAL A 72 8.92 2.76 -11.66
C VAL A 72 8.79 3.56 -12.95
N SER A 73 9.84 3.54 -13.76
CA SER A 73 9.92 4.38 -14.94
C SER A 73 8.72 4.28 -15.90
N GLY A 74 8.22 3.07 -16.10
CA GLY A 74 7.21 2.85 -17.12
C GLY A 74 5.77 2.95 -16.66
N ASN A 75 5.54 3.10 -15.36
CA ASN A 75 4.19 3.10 -14.80
C ASN A 75 3.99 4.26 -13.86
N GLN A 76 3.37 5.32 -14.38
CA GLN A 76 3.12 6.53 -13.62
C GLN A 76 2.40 6.24 -12.30
N GLY A 77 2.95 6.78 -11.22
CA GLY A 77 2.36 6.62 -9.90
C GLY A 77 2.89 5.43 -9.13
N PHE A 78 3.58 4.52 -9.79
CA PHE A 78 4.05 3.32 -9.11
C PHE A 78 5.46 3.46 -8.53
N TYR A 79 5.64 2.77 -7.42
CA TYR A 79 6.89 2.67 -6.70
C TYR A 79 7.28 1.22 -6.55
N SER A 80 8.58 0.95 -6.59
CA SER A 80 9.14 -0.36 -6.30
C SER A 80 9.87 -0.28 -4.98
N PHE A 81 9.55 -1.19 -4.06
CA PHE A 81 10.24 -1.24 -2.78
C PHE A 81 11.02 -2.53 -2.64
N GLN A 82 12.30 -2.37 -2.34
CA GLN A 82 13.17 -3.49 -2.05
C GLN A 82 13.24 -3.65 -0.55
N CYS A 83 12.78 -4.78 -0.04
CA CYS A 83 12.60 -4.96 1.40
C CYS A 83 13.41 -6.12 1.95
N THR A 84 13.83 -5.98 3.20
CA THR A 84 14.53 -7.04 3.91
C THR A 84 13.86 -7.21 5.27
N THR A 85 13.87 -8.43 5.79
CA THR A 85 13.19 -8.70 7.06
C THR A 85 14.19 -9.20 8.09
N THR A 86 13.83 -9.08 9.36
CA THR A 86 14.78 -9.48 10.39
C THR A 86 14.97 -10.99 10.48
N SER A 87 14.14 -11.77 9.81
CA SER A 87 14.34 -13.21 9.78
C SER A 87 15.27 -13.58 8.63
N GLY A 88 15.69 -12.58 7.86
CA GLY A 88 16.66 -12.79 6.80
C GLY A 88 16.05 -12.84 5.41
N GLY A 89 14.75 -12.59 5.31
CA GLY A 89 14.07 -12.59 4.03
C GLY A 89 14.31 -11.33 3.22
N SER A 90 14.05 -11.40 1.92
CA SER A 90 14.09 -10.23 1.07
C SER A 90 13.07 -10.38 -0.05
N PHE A 91 12.47 -9.26 -0.44
CA PHE A 91 11.46 -9.30 -1.48
C PHE A 91 11.31 -7.94 -2.12
N THR A 92 10.63 -7.91 -3.26
CA THR A 92 10.33 -6.66 -3.97
C THR A 92 8.83 -6.52 -4.06
N SER A 93 8.32 -5.35 -3.68
CA SER A 93 6.89 -5.07 -3.69
C SER A 93 6.61 -3.78 -4.43
N TYR A 94 5.50 -3.72 -5.16
CA TYR A 94 5.14 -2.55 -5.96
C TYR A 94 3.86 -1.92 -5.41
N MET A 95 3.75 -0.61 -5.50
CA MET A 95 2.57 0.06 -5.00
C MET A 95 2.28 1.35 -5.73
N ALA A 96 1.02 1.77 -5.68
CA ALA A 96 0.62 3.08 -6.17
C ALA A 96 -0.41 3.64 -5.21
N VAL A 97 -0.36 4.94 -4.97
CA VAL A 97 -1.37 5.61 -4.14
C VAL A 97 -2.56 5.97 -5.03
N VAL A 98 -3.68 5.30 -4.84
CA VAL A 98 -4.85 5.52 -5.66
C VAL A 98 -5.53 6.84 -5.31
N GLU A 99 -5.70 7.09 -4.02
CA GLU A 99 -6.36 8.30 -3.55
C GLU A 99 -5.87 8.60 -2.15
N THR A 100 -5.57 9.85 -1.82
CA THR A 100 -5.18 10.20 -0.45
C THR A 100 -5.47 11.66 -0.18
N ASP A 101 -5.78 12.00 1.07
CA ASP A 101 -5.87 13.40 1.46
C ASP A 101 -4.67 13.77 2.32
N TYR A 102 -3.70 12.86 2.42
CA TYR A 102 -2.40 13.03 3.11
C TYR A 102 -2.49 13.13 4.63
N ALA A 103 -3.49 13.84 5.13
CA ALA A 103 -3.63 14.10 6.57
C ALA A 103 -4.47 13.06 7.31
N ASN A 104 -5.23 12.24 6.60
CA ASN A 104 -6.09 11.27 7.26
C ASN A 104 -5.99 9.87 6.69
N TYR A 105 -6.19 9.73 5.38
CA TYR A 105 -6.31 8.40 4.79
C TYR A 105 -5.52 8.28 3.51
N ALA A 106 -5.25 7.05 3.11
CA ALA A 106 -4.68 6.76 1.80
C ALA A 106 -5.14 5.40 1.35
N LEU A 107 -5.68 5.31 0.14
CA LEU A 107 -6.02 4.04 -0.49
C LEU A 107 -4.92 3.67 -1.45
N LEU A 108 -4.27 2.54 -1.21
CA LEU A 108 -3.15 2.07 -2.03
C LEU A 108 -3.48 0.78 -2.72
N TYR A 109 -2.82 0.56 -3.85
CA TYR A 109 -2.80 -0.74 -4.52
C TYR A 109 -1.39 -1.30 -4.34
N ARG A 110 -1.29 -2.56 -3.97
CA ARG A 110 0.00 -3.21 -3.80
C ARG A 110 0.02 -4.52 -4.58
N CYS A 111 1.17 -4.85 -5.17
CA CYS A 111 1.29 -6.05 -5.97
CA CYS A 111 1.30 -6.08 -5.94
C CYS A 111 2.75 -6.52 -5.98
N GLY A 112 2.97 -7.81 -5.97
CA GLY A 112 4.33 -8.33 -6.06
C GLY A 112 4.35 -9.84 -6.07
N LEU A 113 5.49 -10.38 -6.44
CA LEU A 113 5.71 -11.82 -6.37
C LEU A 113 5.98 -12.21 -4.92
N ALA A 114 5.31 -13.27 -4.46
CA ALA A 114 5.45 -13.69 -3.07
C ALA A 114 5.26 -15.18 -2.92
N GLY A 115 5.98 -15.95 -3.74
CA GLY A 115 5.93 -17.41 -3.66
C GLY A 115 5.54 -18.10 -4.94
N SER A 116 5.22 -17.31 -5.97
CA SER A 116 4.76 -17.86 -7.23
C SER A 116 5.06 -16.92 -8.39
N THR A 117 4.93 -17.43 -9.61
CA THR A 117 5.09 -16.61 -10.81
C THR A 117 3.93 -15.63 -10.95
N THR A 118 2.82 -15.98 -10.30
CA THR A 118 1.62 -15.16 -10.29
C THR A 118 1.69 -14.18 -9.13
N PRO A 119 1.75 -12.87 -9.43
CA PRO A 119 1.83 -11.93 -8.31
C PRO A 119 0.57 -11.94 -7.47
N LYS A 120 0.72 -11.62 -6.20
CA LYS A 120 -0.41 -11.36 -5.32
C LYS A 120 -0.62 -9.86 -5.26
N ASP A 121 -1.87 -9.44 -5.19
CA ASP A 121 -2.12 -8.00 -5.06
C ASP A 121 -3.19 -7.74 -4.01
N ASN A 122 -3.46 -6.48 -3.75
CA ASN A 122 -4.36 -6.09 -2.69
C ASN A 122 -4.67 -4.62 -2.82
N PHE A 123 -5.81 -4.21 -2.28
CA PHE A 123 -6.05 -2.80 -2.01
C PHE A 123 -6.01 -2.60 -0.51
N LEU A 124 -5.31 -1.53 -0.11
CA LEU A 124 -4.95 -1.25 1.27
C LEU A 124 -5.47 0.10 1.68
N LEU A 125 -6.06 0.19 2.86
CA LEU A 125 -6.46 1.47 3.42
C LEU A 125 -5.56 1.79 4.60
N PHE A 126 -4.82 2.88 4.45
CA PHE A 126 -3.98 3.43 5.50
C PHE A 126 -4.64 4.63 6.15
N ASN A 127 -4.40 4.77 7.44
CA ASN A 127 -4.95 5.86 8.24
C ASN A 127 -3.87 6.47 9.11
N ARG A 128 -3.91 7.78 9.31
CA ARG A 128 -2.95 8.43 10.19
C ARG A 128 -3.17 8.05 11.66
N GLN A 129 -4.40 7.68 12.00
CA GLN A 129 -4.74 7.22 13.34
C GLN A 129 -5.01 5.72 13.34
N SER A 130 -4.57 5.00 14.36
CA SER A 130 -4.83 3.56 14.45
C SER A 130 -6.33 3.27 14.52
N SER A 131 -7.10 4.24 15.03
CA SER A 131 -8.54 4.11 15.12
C SER A 131 -9.27 4.48 13.84
N GLY A 132 -8.53 4.86 12.81
CA GLY A 132 -9.15 5.31 11.58
C GLY A 132 -9.97 4.21 10.91
N GLU A 133 -11.09 4.61 10.30
CA GLU A 133 -11.89 3.62 9.60
C GLU A 133 -12.12 4.10 8.17
N ILE A 134 -13.27 3.84 7.59
CA ILE A 134 -13.44 4.13 6.16
C ILE A 134 -13.92 5.56 5.98
N PRO A 135 -13.12 6.40 5.31
CA PRO A 135 -13.47 7.81 5.20
C PRO A 135 -14.61 8.04 4.21
N ALA A 136 -15.46 9.02 4.51
CA ALA A 136 -16.55 9.35 3.60
C ALA A 136 -16.02 9.76 2.23
N GLY A 137 -14.86 10.40 2.20
CA GLY A 137 -14.33 10.91 0.95
C GLY A 137 -13.96 9.85 -0.08
N LEU A 138 -13.87 8.60 0.35
CA LEU A 138 -13.53 7.51 -0.57
C LEU A 138 -14.74 6.74 -1.08
N SER A 139 -15.94 7.14 -0.66
CA SER A 139 -17.14 6.37 -0.96
CA SER A 139 -17.15 6.39 -0.96
C SER A 139 -17.31 6.07 -2.46
N THR A 140 -17.23 7.10 -3.29
CA THR A 140 -17.43 6.92 -4.71
C THR A 140 -16.31 6.10 -5.34
N LYS A 141 -15.08 6.38 -4.93
CA LYS A 141 -13.91 5.67 -5.46
C LYS A 141 -13.96 4.19 -5.12
N LEU A 142 -14.34 3.86 -3.89
CA LEU A 142 -14.47 2.45 -3.49
C LEU A 142 -15.55 1.75 -4.29
N ASN A 143 -16.66 2.45 -4.56
CA ASN A 143 -17.70 1.87 -5.39
CA ASN A 143 -17.72 1.93 -5.41
C ASN A 143 -17.17 1.58 -6.79
N GLN A 144 -16.46 2.54 -7.37
CA GLN A 144 -15.91 2.40 -8.71
C GLN A 144 -14.94 1.23 -8.82
N LEU A 145 -14.17 0.99 -7.76
CA LEU A 145 -13.22 -0.10 -7.74
C LEU A 145 -13.80 -1.41 -7.20
N GLU A 146 -15.08 -1.41 -6.88
CA GLU A 146 -15.77 -2.58 -6.33
C GLU A 146 -15.13 -3.04 -5.01
N LEU A 147 -14.82 -2.09 -4.15
CA LEU A 147 -14.22 -2.35 -2.85
C LEU A 147 -15.19 -1.99 -1.73
N THR A 148 -16.38 -2.59 -1.78
CA THR A 148 -17.47 -2.19 -0.91
C THR A 148 -17.49 -2.89 0.44
N SER A 149 -16.58 -3.84 0.66
CA SER A 149 -16.48 -4.43 1.99
C SER A 149 -15.04 -4.71 2.41
N LEU A 150 -14.27 -3.65 2.62
CA LEU A 150 -12.89 -3.84 3.07
C LEU A 150 -12.86 -4.55 4.43
N ASN A 151 -11.91 -5.45 4.58
CA ASN A 151 -11.73 -6.16 5.84
C ASN A 151 -10.99 -5.32 6.84
N LYS A 152 -11.53 -5.18 8.04
CA LYS A 152 -10.85 -4.47 9.11
C LYS A 152 -9.75 -5.35 9.70
N LEU A 153 -8.59 -4.77 9.94
CA LEU A 153 -7.45 -5.51 10.45
C LEU A 153 -7.38 -5.34 11.97
N GLY A 154 -6.17 -5.31 12.53
CA GLY A 154 -6.03 -5.40 13.97
C GLY A 154 -5.72 -4.10 14.69
N CYS A 155 -5.83 -2.97 14.01
CA CYS A 155 -5.69 -1.66 14.65
C CYS A 155 -7.01 -1.19 15.24
N SER A 156 -6.95 -0.41 16.30
CA SER A 156 -8.14 0.26 16.84
C SER A 156 -7.76 1.57 17.50
#